data_6NOK
#
_entry.id   6NOK
#
_cell.length_a   37.556
_cell.length_b   66.324
_cell.length_c   46.953
_cell.angle_alpha   90.00
_cell.angle_beta   95.75
_cell.angle_gamma   90.00
#
_symmetry.space_group_name_H-M   'P 1 21 1'
#
loop_
_entity.id
_entity.type
_entity.pdbx_description
1 polymer 'Fatty Acid Kinase (Fak) B1 protein'
2 non-polymer 'MYRISTIC ACID'
3 non-polymer 'SODIUM ION'
4 water water
#
_entity_poly.entity_id   1
_entity_poly.type   'polypeptide(L)'
_entity_poly.pdbx_seq_one_letter_code
;MGSSHHHHHHSSGLVPRGSHMASMTGGQQMGRDPMKLAVFTDSSAYLSAETLQREDLFVLDIPVNIDGEEYVEGINLSAE
EFYQKMAQASELPKTSQPSIAKLDEILTSLKEQGYTHALGLFLSSGISGFYQSIQYMVDDYEGLTIAFPDTLITSAPLGI
MVESVFNWRDQGDDFASIQDKLAIQISRTSAFIMVDDLDHLVKGGRLSNGAAILGNLLSIKPILYFNDQGVIEVYEKVRT
EKKATKRLIEIIKETTASGQYRVIVIHGNAPEKAEELRQHLLDFGLGSDVSLATFGSVIGTHLGAGSIALGYIPVI
;
_entity_poly.pdbx_strand_id   A
#
# COMPACT_ATOMS: atom_id res chain seq x y z
N ARG A 32 4.31 6.23 -28.10
CA ARG A 32 3.49 6.61 -26.94
C ARG A 32 2.53 7.79 -27.25
N ASP A 33 1.50 7.94 -26.43
CA ASP A 33 0.57 9.08 -26.56
C ASP A 33 1.30 10.41 -26.30
N PRO A 34 0.95 11.47 -27.04
CA PRO A 34 1.61 12.79 -26.88
C PRO A 34 1.18 13.60 -25.66
N MET A 35 0.44 13.04 -24.74
CA MET A 35 0.32 13.72 -23.47
C MET A 35 1.69 13.84 -22.81
N LYS A 36 1.77 14.74 -21.87
CA LYS A 36 2.97 14.94 -21.11
C LYS A 36 2.51 14.66 -19.68
N LEU A 37 2.76 13.42 -19.23
CA LEU A 37 2.11 12.85 -18.04
C LEU A 37 3.04 12.84 -16.85
N ALA A 38 2.52 13.24 -15.69
CA ALA A 38 3.21 13.03 -14.42
C ALA A 38 2.41 12.03 -13.59
N VAL A 39 3.13 11.14 -12.91
CA VAL A 39 2.50 10.12 -12.07
C VAL A 39 2.92 10.38 -10.63
N PHE A 40 1.95 10.43 -9.71
CA PHE A 40 2.27 10.60 -8.29
C PHE A 40 1.89 9.36 -7.47
N THR A 41 2.67 9.12 -6.40
CA THR A 41 2.23 8.15 -5.41
C THR A 41 2.76 8.62 -4.06
N ASP A 42 2.59 7.79 -3.02
CA ASP A 42 3.21 8.15 -1.75
C ASP A 42 4.10 7.02 -1.27
N SER A 43 4.84 7.28 -0.19
CA SER A 43 5.86 6.26 0.17
C SER A 43 5.27 5.07 0.93
N SER A 44 3.98 5.02 1.11
CA SER A 44 3.38 3.80 1.61
C SER A 44 3.31 2.76 0.50
N ALA A 45 3.44 3.20 -0.77
CA ALA A 45 3.54 2.22 -1.85
C ALA A 45 4.88 1.48 -1.75
N TYR A 46 4.87 0.15 -1.95
CA TYR A 46 6.13 -0.58 -2.10
C TYR A 46 6.48 -0.60 -3.58
N LEU A 47 7.53 0.12 -3.96
CA LEU A 47 7.85 0.31 -5.35
C LEU A 47 8.98 -0.60 -5.78
N SER A 48 8.80 -1.23 -6.93
CA SER A 48 9.82 -2.07 -7.49
C SER A 48 10.98 -1.23 -8.01
N ALA A 49 12.12 -1.90 -8.14
CA ALA A 49 13.26 -1.23 -8.75
C ALA A 49 12.95 -0.73 -10.15
N GLU A 50 12.19 -1.49 -10.94
CA GLU A 50 11.71 -1.03 -12.25
C GLU A 50 11.05 0.37 -12.16
N THR A 51 10.10 0.47 -11.25
CA THR A 51 9.26 1.66 -11.15
C THR A 51 10.04 2.86 -10.66
N LEU A 52 10.95 2.62 -9.73
CA LEU A 52 11.77 3.67 -9.16
C LEU A 52 12.75 4.28 -10.16
N GLN A 53 12.94 3.69 -11.34
N GLN A 53 12.92 3.72 -11.34
CA GLN A 53 13.72 4.27 -12.42
CA GLN A 53 13.72 4.39 -12.35
C GLN A 53 12.88 5.11 -13.39
C GLN A 53 12.86 4.91 -13.50
N ARG A 54 11.56 5.07 -13.29
CA ARG A 54 10.71 5.58 -14.36
C ARG A 54 10.66 7.11 -14.36
N GLU A 55 10.45 7.62 -15.56
CA GLU A 55 10.36 9.07 -15.80
C GLU A 55 9.11 9.67 -15.17
N ASP A 56 9.22 10.95 -14.72
CA ASP A 56 8.07 11.74 -14.29
C ASP A 56 7.27 11.04 -13.20
N LEU A 57 7.96 10.34 -12.31
CA LEU A 57 7.34 9.75 -11.14
C LEU A 57 7.65 10.57 -9.90
N PHE A 58 6.62 11.02 -9.21
CA PHE A 58 6.81 11.83 -7.99
C PHE A 58 6.27 11.06 -6.81
N VAL A 59 7.13 10.76 -5.83
CA VAL A 59 6.70 10.01 -4.66
C VAL A 59 6.66 10.99 -3.49
N LEU A 60 5.48 11.17 -2.88
CA LEU A 60 5.35 12.05 -1.73
C LEU A 60 5.75 11.27 -0.50
N ASP A 61 6.72 11.77 0.25
CA ASP A 61 7.15 10.99 1.41
C ASP A 61 6.14 11.13 2.56
N ILE A 62 6.04 10.07 3.35
CA ILE A 62 5.22 10.05 4.56
C ILE A 62 6.18 10.07 5.75
N PRO A 63 6.20 11.13 6.51
CA PRO A 63 7.13 11.18 7.66
C PRO A 63 6.59 10.37 8.81
N VAL A 64 7.51 9.88 9.62
CA VAL A 64 7.18 9.08 10.78
C VAL A 64 7.83 9.75 11.99
N ASN A 65 7.02 10.19 12.96
N ASN A 65 7.08 9.93 13.03
CA ASN A 65 7.51 10.85 14.16
CA ASN A 65 7.46 10.77 14.14
C ASN A 65 7.82 9.77 15.17
C ASN A 65 7.78 9.86 15.31
N ILE A 66 9.06 9.76 15.66
CA ILE A 66 9.52 8.86 16.73
C ILE A 66 10.19 9.71 17.78
N ASP A 67 9.54 9.79 18.95
CA ASP A 67 10.05 10.47 20.13
C ASP A 67 10.37 11.91 19.84
N GLY A 68 9.52 12.55 19.04
CA GLY A 68 9.62 13.99 18.86
C GLY A 68 10.45 14.38 17.68
N GLU A 69 11.04 13.40 16.97
CA GLU A 69 11.86 13.67 15.80
C GLU A 69 11.16 13.09 14.58
N GLU A 70 11.28 13.78 13.46
CA GLU A 70 10.64 13.39 12.22
C GLU A 70 11.64 12.64 11.35
N TYR A 71 11.23 11.48 10.85
CA TYR A 71 12.05 10.63 10.01
C TYR A 71 11.34 10.41 8.68
N VAL A 72 12.13 10.33 7.61
CA VAL A 72 11.64 9.94 6.29
C VAL A 72 12.46 8.75 5.82
N GLU A 73 11.80 7.62 5.57
CA GLU A 73 12.54 6.45 5.13
C GLU A 73 13.28 6.73 3.82
N GLY A 74 14.55 6.30 3.81
CA GLY A 74 15.40 6.50 2.67
C GLY A 74 16.17 7.81 2.75
N ILE A 75 15.82 8.68 3.68
CA ILE A 75 16.60 9.90 3.89
C ILE A 75 17.41 9.75 5.17
N ASN A 76 16.70 9.69 6.31
CA ASN A 76 17.37 9.58 7.60
C ASN A 76 16.85 8.42 8.43
N LEU A 77 16.27 7.43 7.78
CA LEU A 77 15.76 6.24 8.46
C LEU A 77 15.83 5.12 7.43
N SER A 78 16.46 4.02 7.76
CA SER A 78 16.40 2.88 6.87
C SER A 78 15.29 1.94 7.32
N ALA A 79 14.68 1.26 6.35
CA ALA A 79 13.68 0.29 6.73
C ALA A 79 14.27 -0.80 7.63
N GLU A 80 15.56 -1.11 7.52
CA GLU A 80 16.08 -2.21 8.33
C GLU A 80 16.33 -1.81 9.77
N GLU A 81 16.30 -0.51 10.10
CA GLU A 81 16.46 -0.18 11.52
C GLU A 81 15.11 0.06 12.21
N PHE A 82 14.00 0.06 11.45
CA PHE A 82 12.77 0.64 11.96
C PHE A 82 12.21 -0.17 13.15
N TYR A 83 12.11 -1.50 13.01
CA TYR A 83 11.38 -2.20 14.09
C TYR A 83 12.10 -2.09 15.41
N GLN A 84 13.42 -2.23 15.41
CA GLN A 84 14.10 -2.10 16.68
C GLN A 84 14.06 -0.66 17.17
N LYS A 85 14.12 0.30 16.24
CA LYS A 85 14.03 1.68 16.68
C LYS A 85 12.68 1.94 17.34
N MET A 86 11.62 1.39 16.78
CA MET A 86 10.31 1.56 17.35
C MET A 86 10.24 0.90 18.72
N ALA A 87 10.86 -0.28 18.86
CA ALA A 87 10.86 -0.99 20.16
C ALA A 87 11.61 -0.23 21.27
N GLN A 88 12.55 0.63 20.88
N GLN A 88 12.59 0.60 20.89
CA GLN A 88 13.30 1.42 21.84
CA GLN A 88 13.32 1.39 21.86
C GLN A 88 12.58 2.72 22.19
C GLN A 88 12.70 2.77 22.08
N ALA A 89 11.60 3.10 21.37
CA ALA A 89 10.93 4.40 21.46
C ALA A 89 10.14 4.52 22.76
N SER A 90 9.94 5.76 23.20
CA SER A 90 9.24 5.99 24.47
C SER A 90 7.74 6.19 24.30
N GLU A 91 7.26 6.39 23.07
CA GLU A 91 5.83 6.29 22.75
C GLU A 91 5.72 5.71 21.36
N LEU A 92 4.55 5.21 21.05
CA LEU A 92 4.30 4.67 19.73
C LEU A 92 4.62 5.71 18.65
N PRO A 93 5.35 5.35 17.57
CA PRO A 93 5.50 6.30 16.44
C PRO A 93 4.15 6.65 15.85
N LYS A 94 4.14 7.80 15.17
CA LYS A 94 2.96 8.36 14.54
C LYS A 94 3.34 8.72 13.11
N THR A 95 2.54 8.29 12.18
CA THR A 95 2.71 8.73 10.80
C THR A 95 1.94 10.03 10.54
N SER A 96 2.40 10.76 9.52
CA SER A 96 1.72 11.95 9.01
C SER A 96 1.26 11.66 7.59
N GLN A 97 0.27 12.41 7.16
CA GLN A 97 -0.15 12.32 5.75
C GLN A 97 0.97 12.75 4.79
N PRO A 98 1.00 12.25 3.57
CA PRO A 98 1.77 12.87 2.51
C PRO A 98 1.46 14.36 2.47
N SER A 99 2.39 15.19 2.00
CA SER A 99 2.23 16.63 2.14
C SER A 99 1.37 17.20 1.01
N ILE A 100 0.20 17.73 1.34
CA ILE A 100 -0.65 18.32 0.31
C ILE A 100 -0.03 19.61 -0.21
N ALA A 101 0.75 20.30 0.63
CA ALA A 101 1.48 21.50 0.18
C ALA A 101 2.46 21.17 -0.93
N LYS A 102 3.24 20.11 -0.71
N LYS A 102 3.21 20.08 -0.75
CA LYS A 102 4.16 19.63 -1.74
CA LYS A 102 4.16 19.69 -1.79
C LYS A 102 3.40 19.28 -3.01
C LYS A 102 3.46 19.18 -3.04
N LEU A 103 2.34 18.50 -2.88
CA LEU A 103 1.55 18.11 -4.05
C LEU A 103 1.12 19.34 -4.82
N ASP A 104 0.62 20.36 -4.10
CA ASP A 104 0.18 21.60 -4.78
C ASP A 104 1.34 22.28 -5.48
N GLU A 105 2.50 22.39 -4.81
CA GLU A 105 3.63 23.08 -5.46
C GLU A 105 4.11 22.32 -6.69
N ILE A 106 4.15 21.00 -6.60
CA ILE A 106 4.60 20.22 -7.76
C ILE A 106 3.60 20.37 -8.90
N LEU A 107 2.30 20.21 -8.62
CA LEU A 107 1.32 20.38 -9.68
C LEU A 107 1.45 21.76 -10.31
N THR A 108 1.57 22.82 -9.49
CA THR A 108 1.71 24.18 -10.08
C THR A 108 2.89 24.24 -11.02
N SER A 109 4.03 23.67 -10.58
N SER A 109 4.02 23.64 -10.62
CA SER A 109 5.25 23.63 -11.37
CA SER A 109 5.23 23.68 -11.42
C SER A 109 5.06 22.85 -12.67
C SER A 109 5.12 22.81 -12.68
N LEU A 110 4.51 21.63 -12.58
CA LEU A 110 4.26 20.80 -13.78
C LEU A 110 3.38 21.54 -14.79
N LYS A 111 2.32 22.20 -14.30
CA LYS A 111 1.51 23.03 -15.19
C LYS A 111 2.35 24.08 -15.90
N GLU A 112 3.18 24.77 -15.15
CA GLU A 112 4.03 25.82 -15.75
C GLU A 112 5.09 25.24 -16.68
N GLN A 113 5.43 23.96 -16.56
CA GLN A 113 6.38 23.33 -17.46
C GLN A 113 5.70 22.57 -18.60
N GLY A 114 4.42 22.79 -18.81
CA GLY A 114 3.79 22.23 -19.99
C GLY A 114 3.30 20.81 -19.87
N TYR A 115 3.29 20.22 -18.67
CA TYR A 115 2.65 18.92 -18.50
C TYR A 115 1.15 19.04 -18.76
N THR A 116 0.56 17.97 -19.28
CA THR A 116 -0.84 18.02 -19.67
C THR A 116 -1.71 17.14 -18.80
N HIS A 117 -1.13 16.12 -18.16
CA HIS A 117 -1.93 15.17 -17.37
C HIS A 117 -1.19 14.79 -16.09
N ALA A 118 -1.95 14.52 -15.02
CA ALA A 118 -1.34 14.03 -13.79
C ALA A 118 -2.25 12.97 -13.23
N LEU A 119 -1.67 11.85 -12.89
CA LEU A 119 -2.37 10.75 -12.24
C LEU A 119 -1.79 10.58 -10.86
N GLY A 120 -2.66 10.54 -9.85
CA GLY A 120 -2.20 10.35 -8.47
C GLY A 120 -2.78 9.06 -7.89
N LEU A 121 -1.91 8.14 -7.48
CA LEU A 121 -2.32 6.84 -6.95
C LEU A 121 -1.84 6.80 -5.51
N PHE A 122 -2.71 7.13 -4.58
CA PHE A 122 -2.30 7.25 -3.17
C PHE A 122 -2.95 6.19 -2.29
N LEU A 123 -2.46 6.10 -1.07
CA LEU A 123 -3.01 5.10 -0.16
C LEU A 123 -4.52 5.27 0.06
N SER A 124 -5.17 4.13 0.40
CA SER A 124 -6.63 4.08 0.55
C SER A 124 -7.20 5.21 1.39
N SER A 125 -8.33 5.72 0.93
CA SER A 125 -9.16 6.60 1.79
C SER A 125 -9.55 5.95 3.11
N GLY A 126 -9.52 4.61 3.19
CA GLY A 126 -9.91 3.98 4.43
C GLY A 126 -8.81 3.97 5.44
N ILE A 127 -7.56 4.33 5.07
CA ILE A 127 -6.50 4.36 6.07
C ILE A 127 -5.82 5.72 6.22
N SER A 128 -6.29 6.74 5.53
CA SER A 128 -5.65 8.05 5.65
C SER A 128 -6.63 9.09 5.13
N GLY A 129 -6.65 10.28 5.75
CA GLY A 129 -7.50 11.34 5.25
C GLY A 129 -6.93 12.05 4.03
N PHE A 130 -5.78 11.61 3.58
CA PHE A 130 -5.12 12.30 2.46
C PHE A 130 -6.00 12.27 1.18
N TYR A 131 -6.57 11.11 0.83
CA TYR A 131 -7.38 11.01 -0.39
C TYR A 131 -8.51 12.02 -0.41
N GLN A 132 -9.32 12.10 0.67
CA GLN A 132 -10.41 13.05 0.68
C GLN A 132 -9.90 14.51 0.59
N SER A 133 -8.75 14.77 1.19
N SER A 133 -8.74 14.74 1.17
CA SER A 133 -8.24 16.13 1.25
CA SER A 133 -8.23 16.10 1.29
C SER A 133 -7.82 16.66 -0.11
C SER A 133 -7.64 16.64 0.00
N ILE A 134 -7.37 15.77 -0.99
CA ILE A 134 -6.87 16.25 -2.28
C ILE A 134 -7.99 16.33 -3.32
N GLN A 135 -9.23 15.94 -2.99
CA GLN A 135 -10.27 15.93 -4.03
C GLN A 135 -10.59 17.31 -4.53
N TYR A 136 -10.39 18.35 -3.70
CA TYR A 136 -10.68 19.69 -4.21
C TYR A 136 -9.67 20.16 -5.26
N MET A 137 -8.47 19.59 -5.31
CA MET A 137 -7.42 20.00 -6.25
C MET A 137 -7.61 19.54 -7.68
N VAL A 138 -8.47 18.55 -7.91
CA VAL A 138 -8.52 17.88 -9.21
C VAL A 138 -8.75 18.88 -10.33
N ASP A 139 -9.54 19.93 -10.08
CA ASP A 139 -9.90 20.90 -11.13
C ASP A 139 -9.23 22.25 -10.97
N ASP A 140 -8.15 22.32 -10.21
CA ASP A 140 -7.56 23.59 -9.77
C ASP A 140 -6.43 24.09 -10.68
N TYR A 141 -6.03 23.34 -11.70
CA TYR A 141 -4.81 23.65 -12.44
C TYR A 141 -5.17 23.76 -13.90
N GLU A 142 -5.22 25.00 -14.40
CA GLU A 142 -5.71 25.19 -15.75
C GLU A 142 -4.75 24.56 -16.75
N GLY A 143 -5.28 23.76 -17.68
CA GLY A 143 -4.41 23.10 -18.65
C GLY A 143 -3.81 21.79 -18.19
N LEU A 144 -4.07 21.38 -16.95
CA LEU A 144 -3.59 20.10 -16.45
C LEU A 144 -4.81 19.23 -16.14
N THR A 145 -4.90 18.05 -16.79
CA THR A 145 -5.99 17.09 -16.56
C THR A 145 -5.55 16.17 -15.44
N ILE A 146 -6.31 16.10 -14.34
CA ILE A 146 -5.85 15.37 -13.15
C ILE A 146 -6.85 14.27 -12.83
N ALA A 147 -6.37 13.11 -12.47
CA ALA A 147 -7.23 12.10 -11.88
C ALA A 147 -6.59 11.54 -10.62
N PHE A 148 -7.40 11.42 -9.56
CA PHE A 148 -6.99 10.84 -8.31
C PHE A 148 -8.01 9.76 -7.97
N PRO A 149 -7.93 8.59 -8.57
CA PRO A 149 -8.87 7.53 -8.20
C PRO A 149 -8.53 6.96 -6.81
N ASP A 150 -9.57 6.47 -6.11
CA ASP A 150 -9.32 5.91 -4.78
C ASP A 150 -8.80 4.48 -5.00
N THR A 151 -7.57 4.22 -4.58
CA THR A 151 -6.97 2.93 -4.92
C THR A 151 -7.44 1.81 -3.99
N LEU A 152 -7.95 2.18 -2.82
CA LEU A 152 -8.46 1.29 -1.76
C LEU A 152 -7.39 0.40 -1.16
N ILE A 153 -6.13 0.69 -1.41
CA ILE A 153 -5.04 -0.18 -1.01
C ILE A 153 -3.76 0.60 -0.68
N THR A 154 -2.65 -0.10 -0.47
CA THR A 154 -1.38 0.49 -0.11
C THR A 154 -0.32 -0.59 -0.39
N SER A 155 0.90 -0.35 0.05
CA SER A 155 1.98 -1.33 -0.01
C SER A 155 2.19 -1.90 -1.41
N ALA A 156 2.45 -3.22 -1.54
CA ALA A 156 2.90 -3.75 -2.83
C ALA A 156 1.81 -3.68 -3.91
N PRO A 157 0.52 -3.98 -3.63
CA PRO A 157 -0.50 -3.80 -4.67
C PRO A 157 -0.54 -2.36 -5.19
N LEU A 158 -0.48 -1.36 -4.31
CA LEU A 158 -0.43 0.04 -4.77
C LEU A 158 0.80 0.26 -5.66
N GLY A 159 1.93 -0.29 -5.28
CA GLY A 159 3.14 -0.11 -6.08
C GLY A 159 3.03 -0.76 -7.45
N ILE A 160 2.31 -1.88 -7.53
CA ILE A 160 2.08 -2.53 -8.82
C ILE A 160 1.10 -1.74 -9.67
N MET A 161 0.13 -1.06 -9.07
CA MET A 161 -0.70 -0.11 -9.82
C MET A 161 0.16 0.94 -10.50
N VAL A 162 1.10 1.51 -9.76
CA VAL A 162 1.99 2.53 -10.31
C VAL A 162 2.82 1.93 -11.43
N GLU A 163 3.40 0.74 -11.20
CA GLU A 163 4.17 0.05 -12.22
C GLU A 163 3.34 -0.16 -13.48
N SER A 164 2.10 -0.59 -13.28
CA SER A 164 1.22 -0.89 -14.41
C SER A 164 0.94 0.34 -15.24
N VAL A 165 0.79 1.49 -14.56
CA VAL A 165 0.58 2.75 -15.29
C VAL A 165 1.68 2.94 -16.31
N PHE A 166 2.93 2.78 -15.89
CA PHE A 166 4.02 2.92 -16.85
C PHE A 166 3.99 1.85 -17.92
N ASN A 167 3.66 0.61 -17.54
CA ASN A 167 3.58 -0.44 -18.56
C ASN A 167 2.56 -0.07 -19.63
N TRP A 168 1.39 0.42 -19.21
CA TRP A 168 0.32 0.76 -20.14
C TRP A 168 0.69 1.98 -20.98
N ARG A 169 1.37 2.94 -20.37
CA ARG A 169 1.87 4.06 -21.16
C ARG A 169 2.79 3.55 -22.26
N ASP A 170 3.65 2.58 -21.92
CA ASP A 170 4.58 2.06 -22.90
C ASP A 170 3.83 1.30 -24.00
N GLN A 171 2.59 0.84 -23.71
CA GLN A 171 1.79 0.20 -24.77
C GLN A 171 1.12 1.23 -25.67
N GLY A 172 1.31 2.53 -25.41
CA GLY A 172 0.63 3.60 -26.14
C GLY A 172 -0.72 4.01 -25.55
N ASP A 173 -1.07 3.50 -24.38
CA ASP A 173 -2.38 3.84 -23.82
C ASP A 173 -2.49 5.34 -23.52
N ASP A 174 -3.64 5.91 -23.81
CA ASP A 174 -3.79 7.28 -23.37
C ASP A 174 -4.38 7.33 -21.97
N PHE A 175 -4.60 8.57 -21.49
CA PHE A 175 -5.02 8.80 -20.10
C PHE A 175 -6.32 8.10 -19.78
N ALA A 176 -7.32 8.15 -20.67
CA ALA A 176 -8.60 7.52 -20.40
C ALA A 176 -8.47 5.99 -20.31
N SER A 177 -7.68 5.40 -21.21
N SER A 177 -7.69 5.39 -21.22
CA SER A 177 -7.49 3.95 -21.20
CA SER A 177 -7.50 3.93 -21.18
C SER A 177 -6.77 3.49 -19.94
C SER A 177 -6.78 3.51 -19.90
N ILE A 178 -5.74 4.24 -19.51
CA ILE A 178 -5.07 3.96 -18.24
C ILE A 178 -6.07 4.01 -17.08
N GLN A 179 -6.94 5.02 -17.06
CA GLN A 179 -7.91 5.05 -15.95
C GLN A 179 -8.83 3.85 -15.95
N ASP A 180 -9.31 3.44 -17.12
CA ASP A 180 -10.13 2.23 -17.19
C ASP A 180 -9.42 1.02 -16.64
N LYS A 181 -8.16 0.84 -17.02
CA LYS A 181 -7.44 -0.35 -16.57
C LYS A 181 -7.19 -0.27 -15.06
N LEU A 182 -6.86 0.91 -14.56
CA LEU A 182 -6.74 1.06 -13.11
C LEU A 182 -8.03 0.69 -12.41
N ALA A 183 -9.17 1.08 -12.97
CA ALA A 183 -10.44 0.81 -12.32
C ALA A 183 -10.68 -0.67 -12.18
N ILE A 184 -10.29 -1.44 -13.20
CA ILE A 184 -10.41 -2.89 -13.09
C ILE A 184 -9.50 -3.42 -12.01
N GLN A 185 -8.23 -3.01 -12.02
CA GLN A 185 -7.33 -3.48 -10.97
C GLN A 185 -7.85 -3.13 -9.60
N ILE A 186 -8.32 -1.89 -9.43
CA ILE A 186 -8.76 -1.47 -8.09
C ILE A 186 -9.89 -2.36 -7.61
N SER A 187 -10.80 -2.71 -8.52
CA SER A 187 -11.97 -3.48 -8.16
C SER A 187 -11.64 -4.94 -7.80
N ARG A 188 -10.47 -5.42 -8.18
CA ARG A 188 -10.14 -6.84 -8.03
C ARG A 188 -8.90 -7.07 -7.18
N THR A 189 -8.45 -6.03 -6.44
CA THR A 189 -7.27 -6.04 -5.59
C THR A 189 -7.68 -6.05 -4.14
N SER A 190 -6.93 -6.76 -3.31
CA SER A 190 -7.05 -6.51 -1.86
C SER A 190 -5.79 -7.08 -1.22
N ALA A 191 -5.81 -7.22 0.11
CA ALA A 191 -4.68 -7.86 0.79
C ALA A 191 -5.25 -8.48 2.05
N PHE A 192 -4.70 -9.62 2.46
CA PHE A 192 -5.15 -10.31 3.66
C PHE A 192 -4.00 -10.35 4.64
N ILE A 193 -4.27 -10.04 5.91
CA ILE A 193 -3.23 -9.59 6.87
C ILE A 193 -3.35 -10.33 8.18
N MET A 194 -2.21 -10.71 8.77
N MET A 194 -2.20 -10.78 8.72
CA MET A 194 -2.24 -11.20 10.14
CA MET A 194 -2.09 -11.28 10.08
C MET A 194 -1.07 -10.60 10.91
C MET A 194 -1.08 -10.41 10.83
N VAL A 195 -1.35 -10.11 12.10
CA VAL A 195 -0.40 -9.30 12.87
C VAL A 195 -0.09 -10.06 14.14
N ASP A 196 1.12 -9.84 14.67
N ASP A 196 1.13 -9.86 14.64
CA ASP A 196 1.47 -10.50 15.93
CA ASP A 196 1.50 -10.46 15.91
C ASP A 196 0.63 -9.97 17.07
C ASP A 196 0.57 -9.98 17.01
N ASP A 197 0.32 -8.68 17.06
CA ASP A 197 -0.58 -8.15 18.05
C ASP A 197 -1.32 -6.93 17.53
N LEU A 198 -2.60 -6.90 17.85
CA LEU A 198 -3.52 -5.89 17.34
C LEU A 198 -3.31 -4.51 17.95
N ASP A 199 -2.45 -4.35 18.97
CA ASP A 199 -2.20 -3.08 19.67
C ASP A 199 -1.85 -1.92 18.75
N HIS A 200 -0.84 -2.08 17.88
CA HIS A 200 -0.47 -0.99 16.96
C HIS A 200 -1.62 -0.57 16.10
N LEU A 201 -2.35 -1.55 15.55
CA LEU A 201 -3.39 -1.19 14.63
C LEU A 201 -4.46 -0.43 15.34
N VAL A 202 -4.90 -0.92 16.52
CA VAL A 202 -5.97 -0.22 17.21
C VAL A 202 -5.48 1.16 17.66
N LYS A 203 -4.29 1.22 18.24
CA LYS A 203 -3.79 2.50 18.75
C LYS A 203 -3.48 3.48 17.64
N GLY A 204 -3.11 2.99 16.45
CA GLY A 204 -2.87 3.89 15.32
C GLY A 204 -4.13 4.39 14.66
N GLY A 205 -5.27 3.72 14.96
CA GLY A 205 -6.62 4.16 14.59
C GLY A 205 -7.20 3.51 13.33
N ARG A 206 -6.47 2.65 12.65
CA ARG A 206 -6.94 2.12 11.36
C ARG A 206 -7.79 0.87 11.50
N LEU A 207 -7.86 0.28 12.69
CA LEU A 207 -8.79 -0.78 13.02
C LEU A 207 -9.67 -0.35 14.17
N SER A 208 -10.99 -0.40 13.97
CA SER A 208 -11.98 -0.13 15.01
C SER A 208 -11.57 -0.66 16.41
N ASN A 209 -11.91 0.13 17.43
N ASN A 209 -11.93 0.12 17.43
CA ASN A 209 -11.64 -0.26 18.81
CA ASN A 209 -11.63 -0.27 18.81
C ASN A 209 -12.32 -1.58 19.15
C ASN A 209 -12.35 -1.55 19.22
N GLY A 210 -13.55 -1.80 18.68
CA GLY A 210 -14.27 -3.01 19.02
C GLY A 210 -13.58 -4.28 18.58
N ALA A 211 -12.85 -4.21 17.46
CA ALA A 211 -12.20 -5.41 16.93
C ALA A 211 -11.32 -6.09 17.96
N ALA A 212 -10.87 -5.36 18.99
CA ALA A 212 -9.89 -5.90 19.92
C ALA A 212 -10.53 -6.89 20.86
N ILE A 213 -11.70 -6.53 21.40
CA ILE A 213 -12.53 -7.45 22.17
C ILE A 213 -13.18 -8.47 21.26
N LEU A 214 -13.47 -8.11 20.00
CA LEU A 214 -13.79 -9.11 18.99
C LEU A 214 -12.63 -10.08 18.87
N GLY A 215 -12.75 -11.22 19.53
CA GLY A 215 -11.71 -12.22 19.55
C GLY A 215 -11.18 -12.50 20.95
N ASN A 216 -10.49 -13.63 21.11
CA ASN A 216 -9.96 -14.08 22.39
C ASN A 216 -8.84 -13.16 22.86
N LEU A 217 -7.61 -13.70 22.97
CA LEU A 217 -6.54 -12.85 23.48
C LEU A 217 -5.23 -12.91 22.69
N LEU A 218 -4.18 -13.36 23.38
CA LEU A 218 -2.85 -13.43 22.76
C LEU A 218 -2.83 -14.43 21.63
N SER A 219 -3.41 -15.62 21.84
CA SER A 219 -3.21 -16.73 20.91
C SER A 219 -3.92 -16.48 19.58
N ILE A 220 -5.10 -15.86 19.60
CA ILE A 220 -5.93 -15.81 18.41
C ILE A 220 -5.28 -14.90 17.38
N LYS A 221 -5.43 -15.26 16.12
CA LYS A 221 -4.73 -14.54 15.08
C LYS A 221 -5.78 -14.26 14.03
N PRO A 222 -6.55 -13.18 14.19
CA PRO A 222 -7.56 -12.84 13.18
C PRO A 222 -6.91 -12.48 11.87
N ILE A 223 -7.60 -12.81 10.81
CA ILE A 223 -7.19 -12.34 9.51
C ILE A 223 -7.97 -11.08 9.20
N LEU A 224 -7.25 -10.02 8.79
CA LEU A 224 -7.87 -8.77 8.41
C LEU A 224 -7.72 -8.63 6.90
N TYR A 225 -8.58 -7.81 6.28
CA TYR A 225 -8.42 -7.57 4.85
C TYR A 225 -8.90 -6.15 4.54
N PHE A 226 -8.62 -5.73 3.30
CA PHE A 226 -9.14 -4.46 2.83
C PHE A 226 -10.49 -4.72 2.17
N ASN A 227 -11.54 -4.15 2.75
CA ASN A 227 -12.87 -4.41 2.24
C ASN A 227 -13.10 -3.55 1.00
N ASP A 228 -14.33 -3.60 0.48
N ASP A 228 -14.32 -3.61 0.44
CA ASP A 228 -14.61 -2.95 -0.80
CA ASP A 228 -14.55 -2.93 -0.82
C ASP A 228 -14.76 -1.44 -0.66
C ASP A 228 -14.65 -1.42 -0.67
N GLN A 229 -14.67 -0.91 0.56
CA GLN A 229 -14.53 0.52 0.80
C GLN A 229 -13.10 0.92 1.11
N GLY A 230 -12.13 0.01 0.96
CA GLY A 230 -10.75 0.29 1.31
C GLY A 230 -10.45 0.41 2.79
N VAL A 231 -11.31 -0.15 3.64
CA VAL A 231 -11.16 -0.09 5.09
C VAL A 231 -10.68 -1.45 5.62
N ILE A 232 -9.85 -1.43 6.61
CA ILE A 232 -9.32 -2.67 7.20
C ILE A 232 -10.42 -3.27 8.07
N GLU A 233 -10.75 -4.55 7.83
CA GLU A 233 -11.92 -5.17 8.44
C GLU A 233 -11.48 -6.57 8.85
N VAL A 234 -12.12 -7.12 9.90
CA VAL A 234 -11.88 -8.53 10.24
C VAL A 234 -12.54 -9.42 9.20
N TYR A 235 -11.76 -10.27 8.56
CA TYR A 235 -12.24 -11.27 7.61
C TYR A 235 -12.68 -12.54 8.30
N GLU A 236 -11.84 -13.06 9.20
CA GLU A 236 -12.10 -14.35 9.85
C GLU A 236 -11.32 -14.37 11.16
N LYS A 237 -11.94 -14.79 12.25
CA LYS A 237 -11.24 -14.94 13.50
C LYS A 237 -10.68 -16.35 13.54
N VAL A 238 -9.34 -16.50 13.39
CA VAL A 238 -8.65 -17.80 13.36
C VAL A 238 -8.05 -18.04 14.74
N ARG A 239 -8.00 -19.31 15.15
CA ARG A 239 -7.58 -19.61 16.51
C ARG A 239 -6.07 -19.48 16.71
N THR A 240 -5.26 -19.82 15.70
CA THR A 240 -3.80 -19.89 15.86
C THR A 240 -3.06 -19.37 14.62
N GLU A 241 -1.77 -19.07 14.81
CA GLU A 241 -0.96 -18.56 13.71
C GLU A 241 -0.75 -19.60 12.62
N LYS A 242 -0.51 -20.85 13.02
CA LYS A 242 -0.31 -21.88 12.02
C LYS A 242 -1.54 -22.01 11.14
N LYS A 243 -2.74 -22.01 11.73
CA LYS A 243 -3.89 -22.08 10.88
C LYS A 243 -4.05 -20.83 10.02
N ALA A 244 -3.82 -19.65 10.62
CA ALA A 244 -3.97 -18.40 9.88
C ALA A 244 -3.05 -18.35 8.67
N THR A 245 -1.86 -18.96 8.76
CA THR A 245 -0.91 -19.02 7.64
C THR A 245 -1.49 -19.82 6.49
N LYS A 246 -2.04 -20.99 6.78
N LYS A 246 -1.99 -21.01 6.79
CA LYS A 246 -2.63 -21.81 5.74
CA LYS A 246 -2.66 -21.83 5.80
C LYS A 246 -3.90 -21.17 5.21
C LYS A 246 -3.84 -21.10 5.21
N ARG A 247 -4.66 -20.47 6.07
CA ARG A 247 -5.89 -19.82 5.60
C ARG A 247 -5.56 -18.70 4.62
N LEU A 248 -4.49 -17.94 4.87
CA LEU A 248 -4.13 -16.90 3.88
C LEU A 248 -3.91 -17.52 2.50
N ILE A 249 -3.23 -18.66 2.45
CA ILE A 249 -2.98 -19.32 1.19
C ILE A 249 -4.30 -19.73 0.56
N GLU A 250 -5.14 -20.34 1.37
CA GLU A 250 -6.36 -20.90 0.84
C GLU A 250 -7.24 -19.78 0.30
N ILE A 251 -7.26 -18.64 0.99
CA ILE A 251 -8.07 -17.52 0.54
C ILE A 251 -7.54 -17.00 -0.79
N ILE A 252 -6.21 -16.89 -0.90
CA ILE A 252 -5.64 -16.37 -2.15
C ILE A 252 -5.89 -17.35 -3.31
N LYS A 253 -5.85 -18.67 -3.05
CA LYS A 253 -6.20 -19.62 -4.12
C LYS A 253 -7.61 -19.33 -4.64
N GLU A 254 -8.54 -18.97 -3.74
CA GLU A 254 -9.90 -18.65 -4.15
C GLU A 254 -9.96 -17.31 -4.89
N THR A 255 -9.39 -16.25 -4.32
CA THR A 255 -9.61 -14.93 -4.89
C THR A 255 -8.87 -14.74 -6.19
N THR A 256 -7.88 -15.56 -6.51
CA THR A 256 -7.13 -15.32 -7.73
C THR A 256 -7.42 -16.36 -8.78
N ALA A 257 -8.51 -17.12 -8.62
CA ALA A 257 -8.75 -18.26 -9.49
C ALA A 257 -9.17 -17.85 -10.90
N SER A 258 -9.72 -16.66 -11.08
CA SER A 258 -10.30 -16.26 -12.38
C SER A 258 -9.23 -15.98 -13.44
N GLY A 259 -8.12 -15.37 -13.07
CA GLY A 259 -7.21 -14.85 -14.09
C GLY A 259 -5.76 -14.82 -13.66
N GLN A 260 -4.90 -14.09 -14.40
CA GLN A 260 -3.53 -13.96 -13.97
C GLN A 260 -3.43 -12.84 -12.93
N TYR A 261 -2.82 -13.13 -11.79
CA TYR A 261 -2.65 -12.20 -10.69
C TYR A 261 -1.19 -12.16 -10.30
N ARG A 262 -0.71 -11.01 -9.90
CA ARG A 262 0.47 -10.88 -9.03
C ARG A 262 0.03 -11.14 -7.59
N VAL A 263 0.76 -12.00 -6.89
CA VAL A 263 0.55 -12.21 -5.46
C VAL A 263 1.84 -11.82 -4.78
N ILE A 264 1.75 -11.02 -3.73
CA ILE A 264 2.94 -10.56 -3.04
C ILE A 264 2.85 -11.02 -1.60
N VAL A 265 3.93 -11.66 -1.11
CA VAL A 265 4.06 -12.00 0.29
C VAL A 265 4.77 -10.83 0.95
N ILE A 266 4.11 -10.17 1.90
CA ILE A 266 4.64 -8.92 2.50
C ILE A 266 4.83 -9.15 3.99
N HIS A 267 5.96 -8.75 4.53
CA HIS A 267 6.15 -9.03 5.96
C HIS A 267 6.86 -7.85 6.61
N GLY A 268 6.64 -7.72 7.92
CA GLY A 268 7.38 -6.79 8.76
C GLY A 268 8.13 -7.55 9.83
N ASN A 269 9.43 -7.75 9.61
CA ASN A 269 10.21 -8.57 10.54
C ASN A 269 9.64 -9.97 10.72
N ALA A 270 9.19 -10.61 9.63
CA ALA A 270 8.72 -11.99 9.72
C ALA A 270 9.21 -12.78 8.50
N PRO A 271 10.52 -12.83 8.29
CA PRO A 271 11.04 -13.38 7.02
C PRO A 271 10.88 -14.91 6.89
N GLU A 272 10.94 -15.66 8.00
CA GLU A 272 10.82 -17.10 7.91
C GLU A 272 9.38 -17.48 7.56
N LYS A 273 8.41 -16.79 8.18
CA LYS A 273 7.00 -17.00 7.83
C LYS A 273 6.76 -16.57 6.40
N ALA A 274 7.37 -15.44 5.98
CA ALA A 274 7.12 -15.01 4.60
C ALA A 274 7.66 -16.04 3.59
N GLU A 275 8.82 -16.62 3.87
CA GLU A 275 9.41 -17.54 2.91
C GLU A 275 8.59 -18.83 2.82
N GLU A 276 8.10 -19.30 3.97
CA GLU A 276 7.15 -20.42 4.02
C GLU A 276 5.94 -20.18 3.14
N LEU A 277 5.32 -19.00 3.25
CA LEU A 277 4.15 -18.71 2.42
C LEU A 277 4.53 -18.67 0.96
N ARG A 278 5.66 -18.02 0.67
CA ARG A 278 6.08 -17.95 -0.72
C ARG A 278 6.28 -19.35 -1.28
N GLN A 279 6.90 -20.24 -0.51
CA GLN A 279 7.06 -21.61 -0.98
C GLN A 279 5.71 -22.30 -1.27
N HIS A 280 4.70 -22.08 -0.42
CA HIS A 280 3.37 -22.67 -0.66
C HIS A 280 2.76 -22.14 -1.96
N LEU A 281 2.97 -20.85 -2.23
CA LEU A 281 2.45 -20.26 -3.46
C LEU A 281 3.21 -20.75 -4.68
N LEU A 282 4.54 -20.91 -4.55
CA LEU A 282 5.30 -21.46 -5.66
C LEU A 282 4.89 -22.88 -5.95
N ASP A 283 4.59 -23.67 -4.89
CA ASP A 283 4.17 -25.05 -5.10
C ASP A 283 2.80 -25.12 -5.74
N PHE A 284 1.94 -24.16 -5.45
CA PHE A 284 0.66 -24.05 -6.11
C PHE A 284 0.80 -23.73 -7.60
N GLY A 285 1.94 -23.19 -8.02
CA GLY A 285 2.20 -22.92 -9.44
C GLY A 285 2.32 -21.46 -9.80
N LEU A 286 2.46 -20.56 -8.82
CA LEU A 286 2.39 -19.12 -9.12
C LEU A 286 3.61 -18.63 -9.89
N GLY A 287 4.76 -19.29 -9.75
CA GLY A 287 5.96 -18.89 -10.47
C GLY A 287 6.45 -17.48 -10.19
N SER A 288 6.88 -16.81 -11.27
CA SER A 288 7.36 -15.47 -10.98
C SER A 288 6.23 -14.52 -10.72
N ASP A 289 4.99 -14.99 -10.75
CA ASP A 289 3.93 -14.07 -10.36
C ASP A 289 3.84 -13.91 -8.86
N VAL A 290 4.64 -14.63 -8.07
CA VAL A 290 4.67 -14.39 -6.63
C VAL A 290 5.99 -13.74 -6.28
N SER A 291 5.95 -12.74 -5.43
CA SER A 291 7.14 -12.02 -5.06
C SER A 291 7.05 -11.68 -3.59
N LEU A 292 8.16 -11.12 -3.04
CA LEU A 292 8.27 -10.82 -1.62
C LEU A 292 8.44 -9.32 -1.48
N ALA A 293 7.85 -8.73 -0.47
CA ALA A 293 8.10 -7.31 -0.19
C ALA A 293 8.07 -7.16 1.33
N THR A 294 8.36 -5.95 1.79
CA THR A 294 8.41 -5.69 3.21
C THR A 294 7.55 -4.49 3.59
N PHE A 295 7.13 -4.51 4.84
CA PHE A 295 6.52 -3.34 5.47
C PHE A 295 7.65 -2.55 6.13
N GLY A 296 7.80 -1.29 5.75
CA GLY A 296 8.77 -0.42 6.38
C GLY A 296 8.18 0.45 7.49
N SER A 297 8.69 1.69 7.60
CA SER A 297 8.34 2.51 8.76
C SER A 297 6.89 2.97 8.72
N VAL A 298 6.36 3.22 7.53
CA VAL A 298 5.02 3.80 7.42
C VAL A 298 3.95 2.78 7.82
N ILE A 299 3.94 1.63 7.17
CA ILE A 299 2.97 0.61 7.48
C ILE A 299 3.32 -0.12 8.77
N GLY A 300 4.61 -0.34 9.00
CA GLY A 300 5.05 -1.01 10.22
C GLY A 300 4.67 -0.26 11.49
N THR A 301 4.56 1.09 11.42
CA THR A 301 4.06 1.83 12.57
C THR A 301 2.70 1.35 13.02
N HIS A 302 1.84 1.01 12.06
CA HIS A 302 0.45 0.60 12.27
C HIS A 302 0.29 -0.89 12.49
N LEU A 303 1.04 -1.73 11.79
CA LEU A 303 0.92 -3.19 11.93
C LEU A 303 1.77 -3.77 13.07
N GLY A 304 2.88 -3.11 13.39
CA GLY A 304 3.82 -3.61 14.38
C GLY A 304 4.71 -4.70 13.79
N ALA A 305 5.75 -5.09 14.55
CA ALA A 305 6.64 -6.13 14.08
C ALA A 305 5.94 -7.47 14.07
N GLY A 306 6.41 -8.36 13.20
CA GLY A 306 5.92 -9.71 13.17
C GLY A 306 4.72 -9.88 12.30
N SER A 307 4.47 -8.95 11.39
CA SER A 307 3.26 -8.93 10.62
C SER A 307 3.50 -9.59 9.27
N ILE A 308 2.41 -10.15 8.70
CA ILE A 308 2.46 -10.82 7.40
C ILE A 308 1.21 -10.44 6.61
N ALA A 309 1.32 -10.28 5.29
CA ALA A 309 0.15 -10.12 4.45
C ALA A 309 0.36 -10.82 3.12
N LEU A 310 -0.73 -11.26 2.48
CA LEU A 310 -0.67 -11.63 1.06
C LEU A 310 -1.46 -10.55 0.31
N GLY A 311 -0.82 -9.85 -0.60
CA GLY A 311 -1.53 -8.92 -1.46
C GLY A 311 -1.76 -9.55 -2.83
N TYR A 312 -2.82 -9.14 -3.52
CA TYR A 312 -2.99 -9.63 -4.89
C TYR A 312 -3.61 -8.56 -5.78
N ILE A 313 -3.33 -8.67 -7.08
CA ILE A 313 -3.76 -7.64 -8.04
C ILE A 313 -3.68 -8.24 -9.42
N PRO A 314 -4.74 -8.11 -10.21
CA PRO A 314 -4.74 -8.75 -11.53
C PRO A 314 -3.77 -8.07 -12.46
N VAL A 315 -3.22 -8.89 -13.36
CA VAL A 315 -2.33 -8.44 -14.42
C VAL A 315 -3.26 -8.07 -15.57
N ILE A 316 -3.31 -6.77 -15.87
CA ILE A 316 -4.25 -6.24 -16.83
C ILE A 316 -3.40 -5.69 -17.98
#